data_6GZM
#
_entry.id   6GZM
#
_cell.length_a   49.232
_cell.length_b   73.659
_cell.length_c   89.204
_cell.angle_alpha   90.00
_cell.angle_beta   103.57
_cell.angle_gamma   90.00
#
_symmetry.space_group_name_H-M   'P 1 21 1'
#
loop_
_entity.id
_entity.type
_entity.pdbx_description
1 polymer 'Casein kinase I isoform delta'
2 non-polymer 'CITRIC ACID'
3 non-polymer GLYCEROL
4 non-polymer [4-[[4-[5-(cyclopropylmethyl)-1-methyl-pyrazol-4-yl]-5-fluoranyl-pyrimidin-2-yl]amino]cyclohexyl]azanium
5 water water
#
_entity_poly.entity_id   1
_entity_poly.type   'polypeptide(L)'
_entity_poly.pdbx_seq_one_letter_code
;MELRVGNRYRLGNKIGSGSFGDIYLGTDIAAGEEVAIKLECVKTKHPQLHIESKIYKMMQGGVGIPTIRWCGAEGDYNVM
VMELLGPSLEDLFNFCSRKFSLKTVLLLADQMISRIEYIHSKNFIHRDVKPDNFLMGLGKKGNLVYIIDFGLAKKYRDAR
THQHIPYRENKNLTGTARYASINTHLGIEQSRRDDLESLGYVLMYFNLGSLPWQGLKAATKRQKYERISEKKMSTPIEVL
CKGYPSEFATYLNFCRSLRFDDKPDYSYLRQLFRNLFHRQGFSYDYVFDWNMLKF
;
_entity_poly.pdbx_strand_id   A,B
#
# COMPACT_ATOMS: atom_id res chain seq x y z
N VAL A 5 12.14 -10.32 8.87
CA VAL A 5 11.42 -11.38 8.09
C VAL A 5 11.89 -11.42 6.63
N GLY A 6 12.61 -12.47 6.25
CA GLY A 6 12.95 -12.76 4.85
C GLY A 6 14.05 -11.97 4.13
N ASN A 7 14.93 -11.35 4.93
N ASN A 7 14.92 -11.28 4.87
CA ASN A 7 15.89 -10.35 4.47
CA ASN A 7 16.07 -10.56 4.29
C ASN A 7 15.18 -9.04 4.03
C ASN A 7 15.75 -9.29 3.45
N ARG A 8 13.90 -8.87 4.39
N ARG A 8 14.68 -9.27 2.66
CA ARG A 8 13.12 -7.76 3.81
CA ARG A 8 14.34 -8.02 1.97
C ARG A 8 11.76 -7.33 4.38
C ARG A 8 12.92 -7.46 2.22
N TYR A 9 11.11 -8.09 5.26
N TYR A 9 12.11 -8.13 3.06
CA TYR A 9 9.71 -7.74 5.62
CA TYR A 9 10.74 -7.64 3.43
C TYR A 9 9.55 -7.13 7.03
C TYR A 9 10.52 -7.24 4.95
N ARG A 10 8.87 -5.98 7.10
N ARG A 10 9.24 -7.16 5.44
CA ARG A 10 8.51 -5.38 8.37
CA ARG A 10 8.86 -6.89 6.91
C ARG A 10 7.07 -5.76 8.66
C ARG A 10 7.35 -7.00 7.39
N LEU A 11 6.86 -6.54 9.72
N LEU A 11 6.97 -6.30 8.48
CA LEU A 11 5.52 -6.88 10.18
CA LEU A 11 5.65 -6.55 9.22
C LEU A 11 4.86 -5.62 10.70
C LEU A 11 5.02 -5.43 10.17
N GLY A 12 3.68 -5.31 10.18
CA GLY A 12 2.90 -4.20 10.78
C GLY A 12 1.80 -4.58 11.80
N ASN A 13 0.67 -3.85 11.80
CA ASN A 13 -0.49 -4.11 12.72
C ASN A 13 -1.50 -5.13 12.13
N LYS A 14 -2.29 -5.77 13.00
CA LYS A 14 -3.29 -6.76 12.54
C LYS A 14 -4.45 -6.00 11.89
N ILE A 15 -5.01 -6.56 10.82
CA ILE A 15 -6.18 -5.99 10.09
C ILE A 15 -7.42 -6.92 10.09
N GLY A 16 -7.24 -8.21 10.38
CA GLY A 16 -8.35 -9.15 10.45
C GLY A 16 -7.90 -10.58 10.70
N SER A 17 -8.80 -11.52 10.37
CA SER A 17 -8.58 -12.95 10.58
CA SER A 17 -8.55 -12.94 10.57
C SER A 17 -9.04 -13.70 9.34
N GLY A 18 -8.23 -14.66 8.90
CA GLY A 18 -8.61 -15.54 7.83
C GLY A 18 -8.74 -16.89 8.43
N SER A 19 -9.01 -17.86 7.57
CA SER A 19 -9.11 -19.24 7.98
CA SER A 19 -9.11 -19.22 7.98
C SER A 19 -7.75 -19.65 8.53
N PHE A 20 -7.72 -20.04 9.80
CA PHE A 20 -6.50 -20.58 10.41
C PHE A 20 -5.30 -19.61 10.44
N GLY A 21 -5.58 -18.31 10.51
CA GLY A 21 -4.47 -17.34 10.57
C GLY A 21 -4.88 -15.87 10.50
N ASP A 22 -4.31 -15.03 11.38
CA ASP A 22 -4.57 -13.57 11.35
C ASP A 22 -3.78 -12.95 10.22
N ILE A 23 -4.28 -11.86 9.64
CA ILE A 23 -3.56 -11.10 8.56
C ILE A 23 -3.10 -9.76 9.14
N TYR A 24 -1.88 -9.36 8.77
CA TYR A 24 -1.21 -8.14 9.22
C TYR A 24 -0.83 -7.42 7.97
N LEU A 25 -0.83 -6.08 8.03
CA LEU A 25 -0.12 -5.29 7.01
C LEU A 25 1.35 -5.50 7.32
N GLY A 26 2.17 -5.40 6.29
CA GLY A 26 3.58 -5.42 6.45
C GLY A 26 4.16 -4.72 5.27
N THR A 27 5.47 -4.54 5.26
CA THR A 27 6.14 -3.75 4.24
C THR A 27 7.38 -4.45 3.79
N ASP A 28 7.54 -4.57 2.46
CA ASP A 28 8.83 -4.90 1.82
C ASP A 28 9.73 -3.70 2.04
N ILE A 29 10.72 -3.80 2.94
CA ILE A 29 11.40 -2.61 3.45
C ILE A 29 12.19 -1.93 2.33
N ALA A 30 13.01 -2.71 1.64
CA ALA A 30 13.86 -2.19 0.58
C ALA A 30 13.03 -1.70 -0.62
N ALA A 31 11.95 -2.41 -0.91
CA ALA A 31 11.08 -2.07 -2.04
C ALA A 31 10.05 -0.97 -1.75
N GLY A 32 9.68 -0.81 -0.48
CA GLY A 32 8.61 0.13 -0.10
C GLY A 32 7.24 -0.36 -0.53
N GLU A 33 7.09 -1.68 -0.54
CA GLU A 33 5.92 -2.33 -1.05
C GLU A 33 5.13 -2.85 0.14
N GLU A 34 3.97 -2.25 0.37
CA GLU A 34 3.09 -2.70 1.43
C GLU A 34 2.58 -4.06 0.96
N VAL A 35 2.55 -5.03 1.89
N VAL A 35 2.91 -5.12 1.69
CA VAL A 35 2.09 -6.38 1.65
CA VAL A 35 2.94 -6.47 1.10
C VAL A 35 1.07 -6.79 2.74
C VAL A 35 2.00 -7.40 1.81
N ALA A 36 0.41 -7.94 2.52
N ALA A 36 0.84 -7.62 1.20
CA ALA A 36 -0.43 -8.60 3.53
CA ALA A 36 0.07 -8.72 1.65
C ALA A 36 0.32 -9.84 4.02
C ALA A 36 1.17 -9.62 2.16
N ILE A 37 0.33 -10.05 5.33
N ILE A 37 1.23 -9.73 3.48
CA ILE A 37 1.06 -11.18 5.92
CA ILE A 37 2.20 -10.58 4.16
C ILE A 37 0.12 -12.03 6.79
C ILE A 37 1.38 -11.40 5.18
N LYS A 38 0.00 -13.32 6.48
N LYS A 38 1.51 -12.72 5.13
CA LYS A 38 -0.81 -14.24 7.26
CA LYS A 38 0.69 -13.60 5.96
C LYS A 38 0.11 -14.97 8.19
C LYS A 38 1.54 -14.54 6.83
N LEU A 39 -0.24 -15.00 9.48
N LEU A 39 1.14 -14.79 8.09
CA LEU A 39 0.55 -15.70 10.47
CA LEU A 39 1.75 -15.85 8.98
C LEU A 39 -0.16 -16.93 11.01
C LEU A 39 0.79 -16.50 10.03
N GLU A 40 0.57 -18.02 11.04
N GLU A 40 1.28 -17.51 10.79
CA GLU A 40 0.19 -19.19 11.75
CA GLU A 40 0.51 -18.19 11.92
C GLU A 40 1.30 -19.36 12.80
C GLU A 40 1.38 -19.11 12.85
N CYS A 41 0.89 -19.51 14.05
CA CYS A 41 1.78 -20.02 15.12
CA CYS A 41 1.78 -20.05 15.13
C CYS A 41 2.52 -21.29 14.65
N VAL A 42 3.85 -21.18 14.48
CA VAL A 42 4.72 -22.26 13.98
C VAL A 42 4.62 -23.53 14.81
N LYS A 43 4.22 -23.38 16.07
CA LYS A 43 4.02 -24.49 16.98
C LYS A 43 2.59 -25.02 17.02
N THR A 44 1.73 -24.62 16.08
CA THR A 44 0.33 -25.06 16.12
C THR A 44 0.17 -26.57 15.88
N LYS A 45 -0.95 -27.11 16.36
CA LYS A 45 -1.27 -28.54 16.27
C LYS A 45 -1.69 -28.98 14.85
N HIS A 46 -2.15 -28.03 14.03
CA HIS A 46 -2.63 -28.29 12.67
C HIS A 46 -2.00 -27.30 11.69
N PRO A 47 -0.70 -27.49 11.40
CA PRO A 47 -0.05 -26.61 10.47
C PRO A 47 -0.68 -26.75 9.10
N GLN A 48 -1.27 -25.67 8.61
CA GLN A 48 -1.90 -25.71 7.31
C GLN A 48 -1.41 -24.59 6.41
N LEU A 49 -0.56 -23.69 6.91
CA LEU A 49 -0.19 -22.52 6.15
C LEU A 49 0.69 -22.83 4.94
N HIS A 50 1.62 -23.80 5.06
CA HIS A 50 2.41 -24.18 3.89
C HIS A 50 1.64 -25.01 2.86
N ILE A 51 0.60 -25.70 3.34
CA ILE A 51 -0.36 -26.38 2.47
C ILE A 51 -1.03 -25.32 1.62
N GLU A 52 -1.52 -24.27 2.29
CA GLU A 52 -2.25 -23.19 1.57
C GLU A 52 -1.36 -22.52 0.55
N SER A 53 -0.10 -22.25 0.94
CA SER A 53 0.82 -21.70 -0.01
C SER A 53 1.01 -22.56 -1.25
N LYS A 54 1.04 -23.88 -1.12
CA LYS A 54 1.18 -24.74 -2.31
C LYS A 54 -0.08 -24.74 -3.18
N ILE A 55 -1.26 -24.59 -2.58
CA ILE A 55 -2.49 -24.43 -3.41
C ILE A 55 -2.39 -23.13 -4.21
N TYR A 56 -1.98 -22.04 -3.55
CA TYR A 56 -1.78 -20.78 -4.25
C TYR A 56 -0.81 -20.98 -5.40
N LYS A 57 0.30 -21.68 -5.14
CA LYS A 57 1.30 -21.98 -6.18
C LYS A 57 0.76 -22.79 -7.36
N MET A 58 -0.11 -23.75 -7.10
CA MET A 58 -0.80 -24.50 -8.17
C MET A 58 -1.72 -23.60 -9.00
N MET A 59 -2.27 -22.56 -8.40
CA MET A 59 -3.14 -21.59 -9.08
C MET A 59 -2.37 -20.43 -9.75
N GLN A 60 -1.06 -20.37 -9.59
CA GLN A 60 -0.22 -19.27 -10.11
C GLN A 60 -0.46 -18.95 -11.57
N GLY A 61 -0.54 -17.65 -11.88
CA GLY A 61 -0.80 -17.19 -13.22
C GLY A 61 -2.26 -17.17 -13.61
N GLY A 62 -3.15 -17.64 -12.74
CA GLY A 62 -4.57 -17.54 -13.01
C GLY A 62 -5.03 -16.10 -12.85
N VAL A 63 -6.00 -15.71 -13.66
CA VAL A 63 -6.61 -14.39 -13.55
C VAL A 63 -7.29 -14.29 -12.23
N GLY A 64 -7.01 -13.24 -11.47
CA GLY A 64 -7.64 -13.00 -10.18
C GLY A 64 -7.17 -13.86 -9.04
N ILE A 65 -6.00 -14.47 -9.20
CA ILE A 65 -5.42 -15.26 -8.14
C ILE A 65 -4.26 -14.44 -7.51
N PRO A 66 -4.27 -14.27 -6.17
N PRO A 66 -4.16 -14.34 -6.18
CA PRO A 66 -3.18 -13.56 -5.45
CA PRO A 66 -2.92 -13.71 -5.70
C PRO A 66 -1.81 -14.20 -5.54
C PRO A 66 -1.61 -14.27 -6.32
N THR A 67 -0.78 -13.37 -5.64
N THR A 67 -0.58 -13.45 -6.42
CA THR A 67 0.60 -13.86 -5.70
CA THR A 67 0.75 -13.93 -6.80
C THR A 67 1.15 -13.94 -4.30
C THR A 67 1.57 -13.99 -5.52
N ILE A 68 2.01 -14.93 -4.11
N ILE A 68 2.42 -15.01 -5.37
CA ILE A 68 2.64 -15.16 -2.84
CA ILE A 68 3.04 -15.29 -4.06
C ILE A 68 4.07 -14.69 -3.00
C ILE A 68 4.30 -14.44 -3.76
N ARG A 69 4.49 -13.77 -2.14
N ARG A 69 4.41 -13.87 -2.56
CA ARG A 69 5.88 -13.26 -2.22
CA ARG A 69 5.55 -12.98 -2.31
C ARG A 69 6.84 -14.22 -1.54
C ARG A 69 6.82 -13.72 -1.87
N TRP A 70 6.50 -14.66 -0.33
N TRP A 70 6.72 -15.02 -1.67
CA TRP A 70 7.39 -15.45 0.49
CA TRP A 70 7.82 -15.77 -1.07
C TRP A 70 6.59 -16.33 1.44
C TRP A 70 7.24 -16.44 0.15
N CYS A 71 6.97 -17.60 1.52
N CYS A 71 7.91 -17.47 0.67
CA CYS A 71 6.38 -18.45 2.54
CA CYS A 71 7.42 -18.19 1.83
C CYS A 71 7.55 -19.00 3.32
C CYS A 71 8.57 -18.50 2.81
N GLY A 72 7.39 -19.10 4.64
N GLY A 72 8.27 -18.56 4.11
CA GLY A 72 8.49 -19.52 5.47
CA GLY A 72 9.28 -18.88 5.13
C GLY A 72 8.11 -19.59 6.93
C GLY A 72 8.76 -18.70 6.56
N ALA A 73 9.14 -19.53 7.77
N ALA A 73 9.46 -19.28 7.53
CA ALA A 73 8.97 -19.39 9.21
CA ALA A 73 9.04 -19.20 8.94
C ALA A 73 9.89 -18.30 9.73
C ALA A 73 9.95 -18.25 9.70
N GLU A 74 9.46 -17.69 10.82
CA GLU A 74 10.18 -16.61 11.52
C GLU A 74 9.73 -16.57 12.97
N GLY A 75 10.70 -16.62 13.88
CA GLY A 75 10.39 -16.62 15.29
C GLY A 75 9.51 -17.81 15.57
N ASP A 76 8.35 -17.54 16.17
CA ASP A 76 7.37 -18.59 16.48
C ASP A 76 6.18 -18.60 15.51
N TYR A 77 6.42 -18.25 14.24
CA TYR A 77 5.35 -18.09 13.23
C TYR A 77 5.75 -18.60 11.83
N ASN A 78 4.89 -19.50 11.31
N ASN A 78 4.80 -19.06 11.01
CA ASN A 78 4.85 -19.85 9.89
CA ASN A 78 5.07 -19.18 9.55
C ASN A 78 4.23 -18.60 9.32
C ASN A 78 4.64 -17.91 8.76
N VAL A 79 4.82 -18.05 8.25
N VAL A 79 5.30 -17.62 7.64
CA VAL A 79 4.32 -16.83 7.70
CA VAL A 79 5.00 -16.36 6.89
C VAL A 79 4.08 -17.02 6.17
C VAL A 79 4.97 -16.50 5.34
N MET A 80 3.07 -16.33 5.65
N MET A 80 3.87 -16.05 4.72
CA MET A 80 2.83 -16.26 4.19
CA MET A 80 3.78 -16.02 3.26
C MET A 80 2.63 -14.78 3.81
C MET A 80 3.60 -14.58 2.81
N VAL A 81 3.47 -14.29 2.90
N VAL A 81 4.14 -14.24 1.64
CA VAL A 81 3.44 -12.88 2.54
CA VAL A 81 3.88 -12.91 1.09
C VAL A 81 2.78 -12.83 1.19
C VAL A 81 3.00 -13.07 -0.15
N MET A 82 1.74 -11.99 1.09
N MET A 82 2.83 -11.99 -0.90
CA MET A 82 0.90 -11.92 -0.12
CA MET A 82 1.95 -12.01 -2.06
C MET A 82 0.98 -10.51 -0.65
C MET A 82 1.84 -10.60 -2.64
N GLU A 83 0.80 -10.33 -1.96
N GLU A 83 1.62 -10.52 -3.94
CA GLU A 83 0.63 -9.00 -2.54
CA GLU A 83 1.31 -9.25 -4.59
C GLU A 83 -0.59 -8.30 -1.91
C GLU A 83 0.17 -8.59 -3.81
N LEU A 84 -0.49 -6.98 -1.70
N LEU A 84 0.26 -7.27 -3.59
CA LEU A 84 -1.60 -6.24 -1.11
CA LEU A 84 -0.80 -6.55 -2.91
C LEU A 84 -2.73 -6.08 -2.12
C LEU A 84 -2.01 -6.24 -3.81
N LEU A 85 -3.97 -6.22 -1.65
N LEU A 85 -3.19 -6.40 -3.25
CA LEU A 85 -5.16 -6.04 -2.49
CA LEU A 85 -4.45 -6.10 -3.94
C LEU A 85 -6.06 -4.98 -1.86
C LEU A 85 -5.30 -5.07 -3.17
N GLY A 86 -7.09 -4.59 -2.60
N GLY A 86 -6.41 -4.63 -3.76
CA GLY A 86 -7.92 -3.46 -2.20
CA GLY A 86 -7.23 -3.56 -3.18
C GLY A 86 -9.09 -3.93 -1.34
C GLY A 86 -8.43 -4.10 -2.44
N PRO A 87 -10.14 -3.10 -1.23
N PRO A 87 -9.50 -3.29 -2.34
CA PRO A 87 -11.26 -3.42 -0.35
CA PRO A 87 -10.67 -3.48 -1.43
C PRO A 87 -12.04 -4.70 -0.73
C PRO A 87 -11.53 -4.72 -1.71
N SER A 88 -12.68 -5.35 0.24
N SER A 88 -12.20 -5.25 -0.67
CA SER A 88 -13.53 -6.50 -0.06
CA SER A 88 -13.12 -6.41 -0.73
C SER A 88 -14.81 -6.02 -0.73
C SER A 88 -14.50 -6.05 -1.32
N LEU A 89 -15.49 -6.97 -1.35
CA LEU A 89 -16.82 -6.67 -1.90
C LEU A 89 -17.79 -6.22 -0.81
N GLU A 90 -17.58 -6.67 0.43
CA GLU A 90 -18.36 -6.19 1.58
C GLU A 90 -18.02 -4.72 1.83
N ASP A 91 -16.74 -4.39 1.82
CA ASP A 91 -16.28 -3.01 1.99
C ASP A 91 -16.89 -2.12 0.92
N LEU A 92 -16.77 -2.53 -0.34
CA LEU A 92 -17.38 -1.78 -1.45
C LEU A 92 -18.90 -1.70 -1.37
N PHE A 93 -19.55 -2.78 -0.92
CA PHE A 93 -20.99 -2.74 -0.69
C PHE A 93 -21.37 -1.63 0.31
N ASN A 94 -20.64 -1.54 1.44
CA ASN A 94 -20.84 -0.45 2.39
C ASN A 94 -20.58 0.95 1.81
N PHE A 95 -19.47 1.11 1.10
CA PHE A 95 -19.16 2.37 0.44
C PHE A 95 -20.23 2.78 -0.54
N CYS A 96 -20.88 1.80 -1.18
CA CYS A 96 -21.98 2.06 -2.10
C CYS A 96 -23.36 2.04 -1.42
N SER A 97 -23.41 2.33 -0.12
CA SER A 97 -24.67 2.46 0.62
C SER A 97 -25.47 1.16 0.74
N ARG A 98 -24.76 0.04 0.76
CA ARG A 98 -25.32 -1.33 0.78
C ARG A 98 -26.41 -1.58 -0.26
N LYS A 99 -26.20 -0.98 -1.44
CA LYS A 99 -26.99 -1.21 -2.65
C LYS A 99 -26.00 -1.25 -3.79
N PHE A 100 -26.02 -2.30 -4.59
CA PHE A 100 -25.36 -2.30 -5.86
C PHE A 100 -26.44 -2.18 -6.93
N SER A 101 -26.10 -1.51 -8.02
CA SER A 101 -26.98 -1.52 -9.21
C SER A 101 -27.05 -2.91 -9.81
N LEU A 102 -28.15 -3.23 -10.50
CA LEU A 102 -28.19 -4.46 -11.26
C LEU A 102 -26.97 -4.64 -12.16
N LYS A 103 -26.54 -3.57 -12.82
CA LYS A 103 -25.40 -3.66 -13.73
C LYS A 103 -24.13 -4.19 -13.00
N THR A 104 -23.87 -3.64 -11.83
CA THR A 104 -22.70 -4.01 -11.03
C THR A 104 -22.85 -5.45 -10.54
N VAL A 105 -24.06 -5.84 -10.13
CA VAL A 105 -24.29 -7.24 -9.73
C VAL A 105 -23.96 -8.21 -10.89
N LEU A 106 -24.39 -7.87 -12.09
CA LEU A 106 -24.13 -8.71 -13.25
C LEU A 106 -22.67 -8.70 -13.66
N LEU A 107 -21.97 -7.56 -13.51
CA LEU A 107 -20.57 -7.50 -13.80
C LEU A 107 -19.77 -8.36 -12.82
N LEU A 108 -20.14 -8.29 -11.55
CA LEU A 108 -19.50 -9.11 -10.52
C LEU A 108 -19.79 -10.58 -10.78
N ALA A 109 -21.05 -10.91 -11.05
CA ALA A 109 -21.41 -12.32 -11.29
C ALA A 109 -20.52 -13.00 -12.35
N ASP A 110 -20.25 -12.29 -13.45
CA ASP A 110 -19.51 -12.85 -14.55
C ASP A 110 -18.11 -13.23 -14.09
N GLN A 111 -17.46 -12.32 -13.37
CA GLN A 111 -16.09 -12.59 -12.88
C GLN A 111 -16.08 -13.68 -11.80
N MET A 112 -17.05 -13.63 -10.91
CA MET A 112 -17.06 -14.57 -9.77
C MET A 112 -17.29 -16.02 -10.25
N ILE A 113 -18.20 -16.21 -11.21
CA ILE A 113 -18.40 -17.55 -11.81
C ILE A 113 -17.08 -18.05 -12.42
N SER A 114 -16.43 -17.18 -13.20
CA SER A 114 -15.16 -17.53 -13.82
C SER A 114 -14.03 -17.84 -12.82
N ARG A 115 -13.98 -17.12 -11.70
CA ARG A 115 -12.95 -17.35 -10.68
C ARG A 115 -13.14 -18.75 -10.05
N ILE A 116 -14.39 -19.07 -9.76
CA ILE A 116 -14.73 -20.40 -9.26
C ILE A 116 -14.39 -21.51 -10.28
N GLU A 117 -14.78 -21.33 -11.53
CA GLU A 117 -14.45 -22.27 -12.57
C GLU A 117 -12.96 -22.54 -12.64
N TYR A 118 -12.15 -21.48 -12.46
CA TYR A 118 -10.70 -21.60 -12.58
C TYR A 118 -10.19 -22.49 -11.45
N ILE A 119 -10.62 -22.23 -10.23
CA ILE A 119 -10.19 -23.04 -9.07
C ILE A 119 -10.54 -24.52 -9.28
N HIS A 120 -11.75 -24.76 -9.78
CA HIS A 120 -12.22 -26.13 -10.03
C HIS A 120 -11.39 -26.80 -11.12
N SER A 121 -11.00 -26.03 -12.12
CA SER A 121 -10.14 -26.52 -13.21
C SER A 121 -8.77 -27.01 -12.71
N LYS A 122 -8.32 -26.47 -11.58
CA LYS A 122 -7.04 -26.86 -10.98
C LYS A 122 -7.20 -27.93 -9.87
N ASN A 123 -8.38 -28.53 -9.78
CA ASN A 123 -8.74 -29.74 -8.97
C ASN A 123 -9.17 -29.39 -7.54
N PHE A 124 -9.44 -28.10 -7.26
CA PHE A 124 -9.81 -27.72 -5.91
C PHE A 124 -11.21 -27.14 -5.84
N ILE A 125 -11.79 -27.24 -4.65
CA ILE A 125 -13.01 -26.51 -4.29
C ILE A 125 -12.65 -25.54 -3.19
N HIS A 126 -13.27 -24.37 -3.21
CA HIS A 126 -12.91 -23.31 -2.29
C HIS A 126 -13.51 -23.48 -0.90
N ARG A 127 -14.82 -23.74 -0.82
CA ARG A 127 -15.56 -24.01 0.43
C ARG A 127 -15.79 -22.83 1.39
N ASP A 128 -15.52 -21.61 0.96
CA ASP A 128 -15.79 -20.44 1.82
C ASP A 128 -16.14 -19.21 0.98
N VAL A 129 -17.03 -19.42 0.00
CA VAL A 129 -17.41 -18.32 -0.92
C VAL A 129 -18.29 -17.32 -0.16
N LYS A 130 -17.81 -16.07 -0.04
CA LYS A 130 -18.49 -14.99 0.69
C LYS A 130 -17.87 -13.66 0.28
N PRO A 131 -18.62 -12.55 0.44
CA PRO A 131 -18.08 -11.24 0.01
C PRO A 131 -16.68 -10.88 0.56
N ASP A 132 -16.40 -11.25 1.82
CA ASP A 132 -15.09 -10.99 2.48
C ASP A 132 -13.92 -11.64 1.71
N ASN A 133 -14.18 -12.75 0.99
CA ASN A 133 -13.11 -13.41 0.23
C ASN A 133 -12.97 -13.06 -1.23
N PHE A 134 -13.59 -11.95 -1.63
CA PHE A 134 -13.31 -11.41 -2.93
C PHE A 134 -12.84 -9.97 -2.75
N LEU A 135 -11.68 -9.69 -3.33
CA LEU A 135 -10.99 -8.38 -3.21
C LEU A 135 -10.76 -7.79 -4.58
N MET A 136 -10.93 -6.47 -4.70
CA MET A 136 -10.54 -5.79 -5.93
C MET A 136 -9.04 -5.61 -5.95
N GLY A 137 -8.48 -5.59 -7.14
CA GLY A 137 -7.08 -5.34 -7.33
C GLY A 137 -6.71 -3.88 -7.08
N LEU A 138 -5.42 -3.62 -7.19
CA LEU A 138 -4.86 -2.25 -7.13
C LEU A 138 -4.18 -1.91 -8.46
N GLY A 139 -3.88 -0.63 -8.64
CA GLY A 139 -3.22 -0.14 -9.85
C GLY A 139 -3.97 -0.44 -11.12
N LYS A 140 -3.30 -1.15 -12.04
CA LYS A 140 -3.83 -1.45 -13.37
C LYS A 140 -4.88 -2.58 -13.33
N LYS A 141 -4.84 -3.39 -12.28
CA LYS A 141 -5.85 -4.45 -12.08
C LYS A 141 -7.02 -4.01 -11.17
N GLY A 142 -7.36 -2.71 -11.14
CA GLY A 142 -8.37 -2.24 -10.18
C GLY A 142 -9.79 -2.74 -10.44
N ASN A 143 -10.11 -3.05 -11.70
CA ASN A 143 -11.42 -3.66 -12.06
C ASN A 143 -11.40 -5.21 -12.18
N LEU A 144 -10.37 -5.82 -11.60
CA LEU A 144 -10.27 -7.30 -11.47
C LEU A 144 -10.70 -7.75 -10.07
N VAL A 145 -11.67 -8.67 -10.00
CA VAL A 145 -12.08 -9.30 -8.76
C VAL A 145 -11.12 -10.47 -8.53
N TYR A 146 -10.44 -10.47 -7.39
CA TYR A 146 -9.61 -11.61 -6.94
C TYR A 146 -10.40 -12.47 -5.97
N ILE A 147 -10.07 -13.77 -5.89
CA ILE A 147 -10.59 -14.62 -4.85
C ILE A 147 -9.40 -14.87 -3.94
N ILE A 148 -9.62 -14.83 -2.65
CA ILE A 148 -8.58 -15.09 -1.68
C ILE A 148 -8.99 -16.21 -0.76
N ASP A 149 -7.97 -16.72 -0.08
CA ASP A 149 -8.08 -17.56 1.11
C ASP A 149 -8.40 -19.00 0.71
N PHE A 150 -7.35 -19.82 0.62
CA PHE A 150 -7.50 -21.24 0.39
C PHE A 150 -7.32 -22.11 1.61
N GLY A 151 -7.48 -21.53 2.81
CA GLY A 151 -7.33 -22.25 4.04
C GLY A 151 -8.40 -23.27 4.38
N LEU A 152 -9.55 -23.17 3.73
CA LEU A 152 -10.57 -24.18 3.78
C LEU A 152 -10.71 -25.04 2.51
N ALA A 153 -9.84 -24.81 1.53
CA ALA A 153 -9.93 -25.47 0.24
C ALA A 153 -9.51 -26.94 0.35
N LYS A 154 -10.07 -27.75 -0.53
CA LYS A 154 -9.84 -29.18 -0.59
C LYS A 154 -9.73 -29.63 -2.07
N LYS A 155 -8.87 -30.62 -2.31
CA LYS A 155 -8.82 -31.28 -3.61
C LYS A 155 -10.06 -32.17 -3.78
N TYR A 156 -10.86 -31.96 -4.82
CA TYR A 156 -12.07 -32.77 -5.05
C TYR A 156 -11.88 -33.86 -6.10
N ARG A 157 -10.76 -33.83 -6.82
CA ARG A 157 -10.46 -34.92 -7.78
C ARG A 157 -8.98 -35.15 -7.86
N ASP A 158 -8.63 -36.41 -8.16
CA ASP A 158 -7.25 -36.83 -8.22
C ASP A 158 -6.57 -36.16 -9.40
N ALA A 159 -5.39 -35.63 -9.16
CA ALA A 159 -4.67 -34.84 -10.16
C ALA A 159 -4.26 -35.67 -11.40
N ARG A 160 -3.97 -36.96 -11.23
CA ARG A 160 -3.69 -37.85 -12.36
C ARG A 160 -4.91 -38.45 -13.06
N THR A 161 -5.89 -38.96 -12.31
CA THR A 161 -6.99 -39.72 -12.92
C THR A 161 -8.27 -38.93 -13.10
N HIS A 162 -8.36 -37.79 -12.40
CA HIS A 162 -9.58 -36.99 -12.24
C HIS A 162 -10.75 -37.73 -11.56
N GLN A 163 -10.46 -38.78 -10.80
CA GLN A 163 -11.50 -39.48 -10.08
C GLN A 163 -11.98 -38.58 -8.92
N HIS A 164 -13.28 -38.41 -8.82
CA HIS A 164 -13.89 -37.48 -7.88
C HIS A 164 -13.83 -38.13 -6.48
N ILE A 165 -13.67 -37.30 -5.44
CA ILE A 165 -13.78 -37.78 -4.05
C ILE A 165 -15.15 -38.40 -3.84
N PRO A 166 -15.25 -39.37 -2.90
CA PRO A 166 -16.51 -40.05 -2.69
C PRO A 166 -17.52 -39.26 -1.89
N TYR A 167 -18.78 -39.63 -2.08
CA TYR A 167 -19.90 -39.01 -1.35
C TYR A 167 -19.78 -39.36 0.12
N ARG A 168 -19.91 -38.36 0.96
CA ARG A 168 -19.88 -38.49 2.43
C ARG A 168 -20.98 -37.68 3.10
N GLU A 169 -21.44 -38.20 4.22
CA GLU A 169 -22.57 -37.69 5.00
C GLU A 169 -22.12 -37.37 6.43
N ASN A 170 -22.99 -36.69 7.17
CA ASN A 170 -22.79 -36.37 8.61
C ASN A 170 -21.54 -35.55 8.92
N LYS A 171 -21.17 -34.66 7.98
CA LYS A 171 -20.09 -33.70 8.19
C LYS A 171 -20.58 -32.50 9.00
N ASN A 172 -19.74 -32.04 9.94
CA ASN A 172 -19.98 -30.77 10.66
C ASN A 172 -19.60 -29.58 9.81
N LEU A 173 -20.33 -28.47 9.96
CA LEU A 173 -20.18 -27.29 9.08
C LEU A 173 -18.89 -26.52 9.41
N THR A 174 -18.01 -26.39 8.40
CA THR A 174 -16.60 -25.94 8.58
C THR A 174 -16.31 -24.49 8.21
N GLY A 175 -17.03 -23.94 7.23
CA GLY A 175 -17.01 -22.50 6.97
C GLY A 175 -17.90 -21.80 8.00
N THR A 176 -18.52 -20.70 7.58
CA THR A 176 -19.63 -20.15 8.35
C THR A 176 -20.90 -19.99 7.51
N ALA A 177 -21.99 -19.71 8.18
CA ALA A 177 -23.27 -20.25 7.78
C ALA A 177 -24.05 -19.43 6.77
N ARG A 178 -23.90 -18.11 6.75
CA ARG A 178 -24.84 -17.27 5.94
C ARG A 178 -24.96 -17.71 4.46
N TYR A 179 -23.81 -18.02 3.84
CA TYR A 179 -23.70 -18.38 2.41
C TYR A 179 -23.57 -19.89 2.10
N ALA A 180 -23.61 -20.74 3.13
CA ALA A 180 -23.49 -22.20 2.95
C ALA A 180 -24.63 -22.78 2.12
N SER A 181 -24.29 -23.75 1.27
CA SER A 181 -25.35 -24.48 0.54
C SER A 181 -26.24 -25.29 1.47
N ILE A 182 -27.46 -25.58 0.98
CA ILE A 182 -28.37 -26.46 1.69
C ILE A 182 -27.69 -27.81 2.00
N ASN A 183 -27.07 -28.45 1.01
CA ASN A 183 -26.45 -29.74 1.25
C ASN A 183 -25.31 -29.63 2.30
N THR A 184 -24.55 -28.53 2.31
CA THR A 184 -23.53 -28.32 3.36
C THR A 184 -24.15 -28.36 4.75
N HIS A 185 -25.29 -27.67 4.95
CA HIS A 185 -26.02 -27.70 6.21
C HIS A 185 -26.51 -29.10 6.59
N LEU A 186 -26.85 -29.90 5.56
CA LEU A 186 -27.32 -31.27 5.76
C LEU A 186 -26.22 -32.32 5.94
N GLY A 187 -24.97 -31.90 5.99
CA GLY A 187 -23.82 -32.76 6.33
C GLY A 187 -23.17 -33.45 5.15
N ILE A 188 -23.49 -33.03 3.93
CA ILE A 188 -22.97 -33.66 2.73
C ILE A 188 -21.63 -33.05 2.40
N GLU A 189 -20.67 -33.92 2.07
CA GLU A 189 -19.41 -33.52 1.49
C GLU A 189 -19.59 -32.40 0.44
N GLN A 190 -18.87 -31.29 0.57
CA GLN A 190 -18.92 -30.22 -0.44
C GLN A 190 -18.25 -30.63 -1.72
N SER A 191 -18.80 -30.12 -2.83
CA SER A 191 -18.24 -30.37 -4.16
C SER A 191 -18.39 -29.10 -5.03
N ARG A 192 -18.15 -29.18 -6.32
CA ARG A 192 -18.14 -27.96 -7.16
C ARG A 192 -19.46 -27.21 -7.09
N ARG A 193 -20.55 -27.95 -7.11
CA ARG A 193 -21.89 -27.30 -7.03
C ARG A 193 -22.07 -26.35 -5.84
N ASP A 194 -21.46 -26.70 -4.72
CA ASP A 194 -21.68 -25.95 -3.46
C ASP A 194 -21.02 -24.57 -3.52
N ASP A 195 -19.87 -24.49 -4.17
CA ASP A 195 -19.18 -23.21 -4.39
C ASP A 195 -20.13 -22.27 -5.18
N LEU A 196 -20.70 -22.81 -6.26
CA LEU A 196 -21.63 -22.08 -7.05
C LEU A 196 -22.95 -21.72 -6.37
N GLU A 197 -23.54 -22.62 -5.59
CA GLU A 197 -24.75 -22.27 -4.82
C GLU A 197 -24.46 -21.12 -3.85
N SER A 198 -23.34 -21.19 -3.13
CA SER A 198 -22.93 -20.08 -2.27
C SER A 198 -22.83 -18.75 -3.02
N LEU A 199 -22.25 -18.76 -4.22
CA LEU A 199 -22.20 -17.54 -5.01
C LEU A 199 -23.62 -17.00 -5.30
N GLY A 200 -24.55 -17.89 -5.61
CA GLY A 200 -25.95 -17.47 -5.78
C GLY A 200 -26.53 -16.70 -4.61
N TYR A 201 -26.18 -17.13 -3.39
CA TYR A 201 -26.64 -16.44 -2.17
C TYR A 201 -25.94 -15.10 -2.04
N VAL A 202 -24.65 -15.06 -2.38
CA VAL A 202 -23.92 -13.81 -2.38
C VAL A 202 -24.55 -12.78 -3.31
N LEU A 203 -24.93 -13.20 -4.52
CA LEU A 203 -25.57 -12.28 -5.48
C LEU A 203 -26.97 -11.79 -4.97
N MET A 204 -27.77 -12.66 -4.40
CA MET A 204 -29.04 -12.26 -3.77
C MET A 204 -28.82 -11.31 -2.57
N TYR A 205 -27.77 -11.58 -1.79
CA TYR A 205 -27.34 -10.68 -0.69
C TYR A 205 -27.05 -9.28 -1.20
N PHE A 206 -26.31 -9.15 -2.29
CA PHE A 206 -26.04 -7.83 -2.85
C PHE A 206 -27.31 -7.18 -3.37
N ASN A 207 -28.23 -7.98 -3.94
CA ASN A 207 -29.52 -7.41 -4.38
C ASN A 207 -30.41 -6.86 -3.24
N LEU A 208 -30.45 -7.58 -2.11
CA LEU A 208 -31.38 -7.33 -1.01
C LEU A 208 -30.82 -6.50 0.13
N GLY A 209 -29.52 -6.60 0.40
CA GLY A 209 -28.88 -6.02 1.61
C GLY A 209 -28.74 -6.97 2.79
N SER A 210 -29.50 -8.05 2.76
CA SER A 210 -29.50 -9.07 3.82
C SER A 210 -30.16 -10.31 3.21
N LEU A 211 -29.96 -11.45 3.86
CA LEU A 211 -30.68 -12.65 3.53
C LEU A 211 -31.69 -12.96 4.63
N PRO A 212 -32.80 -13.64 4.28
CA PRO A 212 -33.83 -13.82 5.31
C PRO A 212 -33.51 -14.80 6.43
N TRP A 213 -32.37 -15.48 6.36
CA TRP A 213 -31.87 -16.34 7.45
C TRP A 213 -30.77 -15.67 8.27
N GLN A 214 -30.56 -14.37 8.07
CA GLN A 214 -29.80 -13.58 9.04
C GLN A 214 -30.70 -13.18 10.22
N GLY A 215 -30.07 -13.03 11.38
CA GLY A 215 -30.73 -12.55 12.59
C GLY A 215 -31.75 -13.51 13.21
N LEU A 216 -31.50 -14.81 13.12
CA LEU A 216 -32.39 -15.82 13.70
C LEU A 216 -31.99 -16.10 15.14
N LYS A 217 -32.98 -16.41 15.99
CA LYS A 217 -32.74 -16.70 17.42
C LYS A 217 -32.31 -18.12 17.65
N ALA A 218 -31.31 -18.32 18.48
CA ALA A 218 -30.93 -19.64 18.96
C ALA A 218 -30.11 -19.54 20.24
N ALA A 219 -30.08 -20.62 21.01
CA ALA A 219 -29.42 -20.67 22.33
C ALA A 219 -27.94 -20.96 22.18
N THR A 220 -27.61 -21.79 21.19
CA THR A 220 -26.24 -22.24 20.94
C THR A 220 -25.93 -22.22 19.45
N LYS A 221 -24.65 -22.35 19.12
CA LYS A 221 -24.15 -22.27 17.74
C LYS A 221 -24.73 -23.38 16.89
N ARG A 222 -24.64 -24.60 17.40
CA ARG A 222 -25.24 -25.77 16.75
C ARG A 222 -26.68 -25.49 16.32
N GLN A 223 -27.42 -24.87 17.22
CA GLN A 223 -28.83 -24.57 16.98
C GLN A 223 -28.98 -23.48 15.95
N LYS A 224 -28.16 -22.44 16.07
CA LYS A 224 -28.19 -21.32 15.11
C LYS A 224 -28.04 -21.82 13.65
N TYR A 225 -27.03 -22.66 13.45
CA TYR A 225 -26.79 -23.33 12.17
C TYR A 225 -27.99 -24.14 11.72
N GLU A 226 -28.58 -24.93 12.64
CA GLU A 226 -29.80 -25.70 12.36
C GLU A 226 -30.97 -24.81 11.93
N ARG A 227 -31.14 -23.68 12.60
CA ARG A 227 -32.21 -22.73 12.24
CA ARG A 227 -32.22 -22.75 12.23
C ARG A 227 -31.99 -22.05 10.88
N ILE A 228 -30.74 -21.74 10.56
CA ILE A 228 -30.39 -21.17 9.24
C ILE A 228 -30.70 -22.18 8.11
N SER A 229 -30.30 -23.43 8.34
CA SER A 229 -30.63 -24.56 7.47
C SER A 229 -32.12 -24.66 7.24
N GLU A 230 -32.88 -24.68 8.34
CA GLU A 230 -34.33 -24.81 8.27
C GLU A 230 -34.96 -23.67 7.47
N LYS A 231 -34.47 -22.44 7.70
CA LYS A 231 -34.95 -21.28 6.95
C LYS A 231 -34.64 -21.35 5.43
N LYS A 232 -33.43 -21.76 5.06
CA LYS A 232 -33.07 -21.97 3.67
C LYS A 232 -33.95 -23.02 2.98
N MET A 233 -34.16 -24.14 3.68
CA MET A 233 -34.95 -25.23 3.10
C MET A 233 -36.41 -24.83 2.93
N SER A 234 -36.92 -24.02 3.86
CA SER A 234 -38.35 -23.71 3.87
C SER A 234 -38.74 -22.40 3.19
N THR A 235 -37.77 -21.71 2.55
CA THR A 235 -38.01 -20.49 1.78
C THR A 235 -37.86 -20.85 0.31
N PRO A 236 -39.00 -20.90 -0.44
CA PRO A 236 -38.86 -21.26 -1.83
C PRO A 236 -38.06 -20.23 -2.57
N ILE A 237 -37.39 -20.64 -3.64
CA ILE A 237 -36.52 -19.76 -4.40
C ILE A 237 -37.32 -18.60 -4.99
N GLU A 238 -38.55 -18.89 -5.44
CA GLU A 238 -39.45 -17.86 -5.96
C GLU A 238 -39.86 -16.79 -4.91
N VAL A 239 -39.83 -17.15 -3.63
CA VAL A 239 -40.02 -16.21 -2.54
C VAL A 239 -38.72 -15.46 -2.19
N LEU A 240 -37.63 -16.19 -2.00
CA LEU A 240 -36.27 -15.57 -1.89
C LEU A 240 -35.99 -14.49 -2.90
N CYS A 241 -36.28 -14.77 -4.18
CA CYS A 241 -35.89 -13.92 -5.29
C CYS A 241 -37.05 -13.07 -5.84
N LYS A 242 -38.11 -12.90 -5.05
CA LYS A 242 -39.29 -12.13 -5.46
C LYS A 242 -38.95 -10.69 -5.78
N GLY A 243 -39.45 -10.22 -6.91
CA GLY A 243 -39.19 -8.87 -7.37
C GLY A 243 -37.86 -8.63 -8.08
N TYR A 244 -37.00 -9.65 -8.17
CA TYR A 244 -35.76 -9.53 -8.93
C TYR A 244 -35.87 -10.31 -10.20
N PRO A 245 -34.97 -10.03 -11.15
CA PRO A 245 -35.01 -10.74 -12.42
C PRO A 245 -34.99 -12.26 -12.22
N SER A 246 -35.73 -12.98 -13.06
CA SER A 246 -35.89 -14.43 -12.94
C SER A 246 -34.55 -15.22 -13.02
N GLU A 247 -33.53 -14.63 -13.67
CA GLU A 247 -32.17 -15.19 -13.76
C GLU A 247 -31.59 -15.56 -12.41
N PHE A 248 -31.92 -14.80 -11.35
CA PHE A 248 -31.28 -15.12 -10.07
C PHE A 248 -31.89 -16.41 -9.52
N ALA A 249 -33.19 -16.60 -9.70
CA ALA A 249 -33.83 -17.86 -9.31
C ALA A 249 -33.36 -19.02 -10.19
N THR A 250 -33.24 -18.78 -11.49
CA THR A 250 -32.83 -19.84 -12.44
C THR A 250 -31.43 -20.36 -12.11
N TYR A 251 -30.56 -19.42 -11.78
CA TYR A 251 -29.18 -19.74 -11.35
C TYR A 251 -29.21 -20.64 -10.08
N LEU A 252 -29.96 -20.25 -9.07
CA LEU A 252 -30.01 -21.01 -7.82
C LEU A 252 -30.64 -22.40 -7.98
N ASN A 253 -31.77 -22.46 -8.69
CA ASN A 253 -32.39 -23.77 -9.04
C ASN A 253 -31.41 -24.72 -9.73
N PHE A 254 -30.69 -24.20 -10.71
CA PHE A 254 -29.67 -24.94 -11.44
C PHE A 254 -28.62 -25.52 -10.54
N CYS A 255 -28.04 -24.66 -9.71
CA CYS A 255 -26.99 -25.13 -8.77
C CYS A 255 -27.52 -26.19 -7.79
N ARG A 256 -28.74 -25.97 -7.27
CA ARG A 256 -29.32 -26.87 -6.30
C ARG A 256 -29.64 -28.26 -6.86
N SER A 257 -29.85 -28.34 -8.16
CA SER A 257 -30.22 -29.57 -8.84
C SER A 257 -29.04 -30.38 -9.38
N LEU A 258 -27.80 -29.85 -9.29
CA LEU A 258 -26.59 -30.54 -9.74
C LEU A 258 -26.31 -31.79 -8.90
N ARG A 259 -25.83 -32.84 -9.56
CA ARG A 259 -25.37 -34.03 -8.86
C ARG A 259 -24.09 -33.73 -8.15
N PHE A 260 -23.79 -34.54 -7.15
CA PHE A 260 -22.59 -34.36 -6.36
C PHE A 260 -21.32 -34.28 -7.21
N ASP A 261 -21.18 -35.17 -8.19
CA ASP A 261 -19.94 -35.22 -8.98
C ASP A 261 -20.04 -34.56 -10.36
N ASP A 262 -21.15 -33.87 -10.62
CA ASP A 262 -21.36 -33.15 -11.89
C ASP A 262 -20.33 -32.05 -12.11
N LYS A 263 -19.89 -31.90 -13.35
CA LYS A 263 -19.17 -30.74 -13.78
C LYS A 263 -20.23 -29.70 -14.10
N PRO A 264 -20.28 -28.59 -13.34
CA PRO A 264 -21.27 -27.55 -13.66
C PRO A 264 -21.12 -26.95 -15.05
N ASP A 265 -22.22 -26.54 -15.66
CA ASP A 265 -22.17 -25.76 -16.86
C ASP A 265 -21.98 -24.27 -16.55
N TYR A 266 -20.72 -23.91 -16.36
CA TYR A 266 -20.34 -22.54 -16.01
C TYR A 266 -20.71 -21.55 -17.12
N SER A 267 -20.58 -21.98 -18.37
CA SER A 267 -20.97 -21.10 -19.49
C SER A 267 -22.48 -20.80 -19.54
N TYR A 268 -23.30 -21.78 -19.22
CA TYR A 268 -24.77 -21.56 -19.14
C TYR A 268 -25.07 -20.49 -18.08
N LEU A 269 -24.40 -20.62 -16.92
CA LEU A 269 -24.63 -19.73 -15.84
C LEU A 269 -24.19 -18.30 -16.22
N ARG A 270 -23.02 -18.16 -16.86
CA ARG A 270 -22.58 -16.83 -17.26
C ARG A 270 -23.58 -16.26 -18.27
N GLN A 271 -24.06 -17.10 -19.18
CA GLN A 271 -24.94 -16.65 -20.27
C GLN A 271 -26.29 -16.15 -19.75
N LEU A 272 -26.83 -16.78 -18.71
CA LEU A 272 -28.04 -16.26 -18.04
C LEU A 272 -27.90 -14.78 -17.75
N PHE A 273 -26.81 -14.43 -17.08
CA PHE A 273 -26.59 -13.06 -16.64
C PHE A 273 -26.24 -12.13 -17.77
N ARG A 274 -25.48 -12.62 -18.76
CA ARG A 274 -25.19 -11.88 -19.97
C ARG A 274 -26.44 -11.56 -20.80
N ASN A 275 -27.35 -12.49 -20.89
CA ASN A 275 -28.59 -12.24 -21.61
C ASN A 275 -29.41 -11.16 -20.90
N LEU A 276 -29.48 -11.25 -19.57
CA LEU A 276 -30.12 -10.19 -18.78
C LEU A 276 -29.47 -8.82 -19.00
N PHE A 277 -28.14 -8.78 -18.99
CA PHE A 277 -27.40 -7.56 -19.17
C PHE A 277 -27.73 -6.93 -20.53
N HIS A 278 -27.78 -7.74 -21.59
CA HIS A 278 -28.22 -7.30 -22.92
C HIS A 278 -29.65 -6.76 -22.95
N ARG A 279 -30.59 -7.49 -22.33
CA ARG A 279 -32.01 -7.08 -22.30
CA ARG A 279 -32.00 -7.08 -22.32
C ARG A 279 -32.19 -5.72 -21.63
N GLN A 280 -31.44 -5.50 -20.55
CA GLN A 280 -31.51 -4.25 -19.79
C GLN A 280 -30.92 -3.03 -20.51
N GLY A 281 -30.16 -3.26 -21.60
CA GLY A 281 -29.55 -2.19 -22.37
C GLY A 281 -28.39 -1.47 -21.71
N PHE A 282 -27.76 -2.14 -20.74
CA PHE A 282 -26.62 -1.55 -20.06
C PHE A 282 -25.46 -1.48 -21.07
N SER A 283 -24.59 -0.47 -20.91
CA SER A 283 -23.47 -0.31 -21.86
C SER A 283 -22.32 -1.19 -21.46
N TYR A 284 -21.49 -1.52 -22.42
CA TYR A 284 -20.45 -2.54 -22.25
C TYR A 284 -19.12 -1.89 -21.88
N ASP A 285 -19.17 -1.04 -20.85
CA ASP A 285 -18.06 -0.18 -20.45
C ASP A 285 -17.33 -0.70 -19.23
N TYR A 286 -17.86 -1.79 -18.63
CA TYR A 286 -17.27 -2.44 -17.44
C TYR A 286 -17.07 -1.52 -16.25
N VAL A 287 -17.95 -0.54 -16.10
CA VAL A 287 -17.86 0.46 -15.02
C VAL A 287 -18.75 0.02 -13.86
N PHE A 288 -18.13 -0.20 -12.71
CA PHE A 288 -18.83 -0.59 -11.48
C PHE A 288 -19.39 0.63 -10.74
N ASP A 289 -20.33 0.42 -9.81
CA ASP A 289 -20.88 1.58 -9.05
C ASP A 289 -19.80 2.43 -8.36
N TRP A 290 -18.82 1.76 -7.74
CA TRP A 290 -17.78 2.46 -6.99
C TRP A 290 -16.80 3.25 -7.88
N ASN A 291 -16.74 2.96 -9.18
CA ASN A 291 -15.91 3.72 -10.10
C ASN A 291 -16.46 5.12 -10.35
N MET A 292 -17.73 5.36 -10.02
CA MET A 292 -18.31 6.68 -10.19
C MET A 292 -18.22 7.59 -8.95
N LEU A 293 -17.54 7.16 -7.89
CA LEU A 293 -17.37 8.00 -6.69
C LEU A 293 -16.49 9.21 -7.06
N LYS A 294 -16.97 10.42 -6.72
CA LYS A 294 -16.28 11.67 -7.08
C LYS A 294 -15.90 12.40 -5.80
N PHE A 295 -14.87 13.25 -5.83
CA PHE A 295 -14.61 14.16 -4.68
C PHE A 295 -15.40 15.47 -4.80
N MET B 1 -10.57 -0.02 11.35
CA MET B 1 -11.78 0.64 10.79
C MET B 1 -11.56 1.04 9.32
N GLU B 2 -12.57 0.82 8.46
CA GLU B 2 -12.59 1.42 7.13
C GLU B 2 -13.12 2.87 7.24
N LEU B 3 -12.19 3.81 7.15
CA LEU B 3 -12.50 5.25 7.15
C LEU B 3 -12.45 5.74 5.72
N ARG B 4 -13.24 6.77 5.42
CA ARG B 4 -13.33 7.26 4.05
C ARG B 4 -13.29 8.79 4.03
N VAL B 5 -12.40 9.33 3.19
CA VAL B 5 -12.29 10.80 3.01
C VAL B 5 -12.48 11.21 1.54
N GLY B 6 -12.95 12.43 1.32
CA GLY B 6 -13.13 12.96 -0.02
C GLY B 6 -14.05 12.13 -0.90
N ASN B 7 -15.00 11.45 -0.26
CA ASN B 7 -15.92 10.48 -0.91
C ASN B 7 -15.29 9.22 -1.54
N ARG B 8 -14.10 9.31 -2.15
CA ARG B 8 -13.59 8.22 -2.98
C ARG B 8 -12.27 7.62 -2.47
N TYR B 9 -11.79 8.06 -1.30
CA TYR B 9 -10.52 7.55 -0.74
C TYR B 9 -10.68 6.83 0.58
N ARG B 10 -10.15 5.62 0.66
CA ARG B 10 -10.03 4.89 1.92
C ARG B 10 -8.82 5.39 2.67
N LEU B 11 -8.96 5.70 3.95
CA LEU B 11 -7.88 6.22 4.78
C LEU B 11 -7.43 5.08 5.69
N GLY B 12 -6.23 4.56 5.45
CA GLY B 12 -5.67 3.47 6.23
C GLY B 12 -4.86 3.87 7.45
N ASN B 13 -3.77 3.15 7.70
CA ASN B 13 -2.98 3.43 8.89
CA ASN B 13 -2.92 3.37 8.87
C ASN B 13 -2.00 4.57 8.69
N LYS B 14 -1.74 5.27 9.79
CA LYS B 14 -0.74 6.31 9.84
C LYS B 14 0.63 5.73 9.52
N ILE B 15 1.38 6.41 8.63
CA ILE B 15 2.73 5.94 8.20
C ILE B 15 3.86 6.89 8.68
N GLY B 16 3.49 8.02 9.27
CA GLY B 16 4.42 9.01 9.74
C GLY B 16 3.84 10.42 9.76
N SER B 17 4.71 11.42 9.83
CA SER B 17 4.28 12.82 9.86
CA SER B 17 4.29 12.83 9.88
C SER B 17 5.16 13.68 8.97
N GLY B 18 4.61 14.79 8.54
CA GLY B 18 5.37 15.78 7.82
C GLY B 18 5.07 17.12 8.42
N SER B 19 5.43 18.16 7.69
CA SER B 19 5.17 19.52 8.09
CA SER B 19 5.18 19.52 8.16
C SER B 19 3.67 19.68 8.35
N PHE B 20 3.31 20.20 9.52
CA PHE B 20 1.91 20.56 9.83
CA PHE B 20 1.92 20.53 9.90
C PHE B 20 0.88 19.41 9.71
N GLY B 21 1.30 18.16 9.75
CA GLY B 21 0.33 17.07 9.55
C GLY B 21 0.88 15.66 9.60
N ASP B 22 -0.05 14.71 9.64
CA ASP B 22 0.27 13.28 9.63
C ASP B 22 0.00 12.68 8.25
N ILE B 23 0.72 11.62 7.92
CA ILE B 23 0.55 10.95 6.65
C ILE B 23 0.00 9.54 6.88
N TYR B 24 -0.93 9.16 6.00
CA TYR B 24 -1.65 7.90 6.04
C TYR B 24 -1.51 7.15 4.70
N LEU B 25 -1.44 5.81 4.80
CA LEU B 25 -1.58 5.01 3.59
C LEU B 25 -3.08 4.98 3.26
N GLY B 26 -3.42 4.96 1.98
CA GLY B 26 -4.82 4.84 1.61
C GLY B 26 -4.96 4.28 0.22
N THR B 27 -6.18 4.34 -0.27
CA THR B 27 -6.50 3.76 -1.52
C THR B 27 -7.59 4.63 -2.18
N ASP B 28 -7.48 4.81 -3.48
CA ASP B 28 -8.47 5.49 -4.28
C ASP B 28 -9.47 4.42 -4.73
N ILE B 29 -10.66 4.45 -4.14
CA ILE B 29 -11.70 3.43 -4.41
C ILE B 29 -12.10 3.43 -5.87
N ALA B 30 -12.23 4.62 -6.46
CA ALA B 30 -12.76 4.77 -7.81
C ALA B 30 -11.78 4.35 -8.89
N ALA B 31 -10.50 4.65 -8.69
CA ALA B 31 -9.45 4.43 -9.70
C ALA B 31 -8.60 3.20 -9.39
N GLY B 32 -8.74 2.68 -8.17
CA GLY B 32 -8.11 1.43 -7.78
C GLY B 32 -6.61 1.51 -7.66
N GLU B 33 -6.15 2.55 -6.97
CA GLU B 33 -4.72 2.88 -6.87
C GLU B 33 -4.37 3.25 -5.45
N GLU B 34 -3.20 2.81 -4.98
CA GLU B 34 -2.76 3.15 -3.63
C GLU B 34 -2.30 4.61 -3.70
N VAL B 35 -2.51 5.33 -2.59
CA VAL B 35 -2.14 6.75 -2.45
C VAL B 35 -1.60 6.98 -1.06
N ALA B 36 -0.98 8.15 -0.90
CA ALA B 36 -0.64 8.66 0.40
C ALA B 36 -1.55 9.83 0.69
N ILE B 37 -1.98 9.96 1.96
CA ILE B 37 -2.95 10.99 2.35
C ILE B 37 -2.43 11.80 3.54
N LYS B 38 -2.34 13.12 3.32
CA LYS B 38 -1.88 14.07 4.33
C LYS B 38 -3.09 14.76 4.95
N LEU B 39 -3.12 14.79 6.29
CA LEU B 39 -4.19 15.41 7.06
C LEU B 39 -3.68 16.54 7.93
N GLU B 40 -4.28 17.71 7.77
CA GLU B 40 -3.97 18.88 8.57
C GLU B 40 -5.17 19.24 9.47
N CYS B 41 -4.99 19.11 10.78
CA CYS B 41 -5.97 19.59 11.75
C CYS B 41 -5.91 21.13 11.86
N VAL B 42 -6.99 21.79 11.47
CA VAL B 42 -7.03 23.26 11.37
C VAL B 42 -7.30 23.86 12.75
N LYS B 43 -6.39 24.75 13.17
CA LYS B 43 -6.44 25.43 14.47
C LYS B 43 -6.66 26.94 14.36
N THR B 44 -6.47 27.52 13.17
CA THR B 44 -6.56 28.97 12.93
C THR B 44 -7.22 29.23 11.58
N LYS B 45 -7.43 30.52 11.30
CA LYS B 45 -7.90 30.99 9.99
C LYS B 45 -6.84 30.88 8.88
N HIS B 46 -5.57 30.64 9.24
CA HIS B 46 -4.46 30.64 8.29
C HIS B 46 -3.74 29.28 8.24
N PRO B 47 -4.43 28.24 7.74
CA PRO B 47 -3.86 26.91 7.66
C PRO B 47 -2.92 26.79 6.47
N GLN B 48 -2.13 25.71 6.44
CA GLN B 48 -1.04 25.57 5.48
C GLN B 48 -1.21 24.62 4.27
N LEU B 49 -2.16 23.67 4.31
CA LEU B 49 -2.15 22.54 3.36
C LEU B 49 -2.50 22.93 1.95
N HIS B 50 -3.43 23.86 1.78
CA HIS B 50 -3.80 24.30 0.43
C HIS B 50 -2.65 25.08 -0.24
N ILE B 51 -1.95 25.88 0.57
CA ILE B 51 -0.76 26.60 0.11
C ILE B 51 0.30 25.57 -0.39
N GLU B 52 0.53 24.52 0.39
CA GLU B 52 1.48 23.48 0.02
C GLU B 52 1.07 22.80 -1.28
N SER B 53 -0.22 22.51 -1.42
CA SER B 53 -0.69 21.82 -2.61
C SER B 53 -0.45 22.62 -3.86
N LYS B 54 -0.61 23.96 -3.79
CA LYS B 54 -0.29 24.82 -4.95
C LYS B 54 1.20 24.82 -5.34
N ILE B 55 2.10 24.69 -4.36
CA ILE B 55 3.54 24.52 -4.67
C ILE B 55 3.75 23.25 -5.46
N TYR B 56 3.20 22.12 -4.98
CA TYR B 56 3.31 20.87 -5.74
C TYR B 56 2.76 21.01 -7.18
N LYS B 57 1.62 21.67 -7.33
CA LYS B 57 1.03 21.90 -8.67
C LYS B 57 1.97 22.67 -9.59
N MET B 58 2.64 23.66 -9.02
CA MET B 58 3.58 24.49 -9.79
CA MET B 58 3.57 24.48 -9.79
C MET B 58 4.78 23.65 -10.26
N MET B 59 5.15 22.61 -9.50
CA MET B 59 6.27 21.70 -9.78
CA MET B 59 6.29 21.78 -9.95
C MET B 59 5.90 20.49 -10.65
N GLN B 60 4.59 20.26 -10.85
CA GLN B 60 4.09 19.07 -11.54
C GLN B 60 4.81 18.83 -12.87
N GLY B 61 5.06 17.55 -13.15
CA GLY B 61 5.81 17.15 -14.34
C GLY B 61 7.30 17.08 -14.19
N GLY B 62 7.86 17.68 -13.13
CA GLY B 62 9.29 17.62 -12.92
C GLY B 62 9.67 16.20 -12.57
N VAL B 63 10.91 15.83 -12.92
CA VAL B 63 11.45 14.54 -12.57
C VAL B 63 11.54 14.50 -11.04
N GLY B 64 11.03 13.42 -10.46
CA GLY B 64 11.14 13.21 -9.04
C GLY B 64 10.22 14.06 -8.17
N ILE B 65 9.12 14.52 -8.74
CA ILE B 65 8.10 15.29 -8.06
C ILE B 65 6.80 14.49 -8.02
N PRO B 66 6.24 14.25 -6.82
CA PRO B 66 4.95 13.54 -6.70
C PRO B 66 3.81 14.34 -7.25
N THR B 67 2.84 13.66 -7.88
CA THR B 67 1.62 14.30 -8.33
C THR B 67 0.57 14.28 -7.24
N ILE B 68 -0.21 15.36 -7.16
CA ILE B 68 -1.32 15.53 -6.23
C ILE B 68 -2.62 15.16 -6.93
N ARG B 69 -3.41 14.31 -6.26
CA ARG B 69 -4.70 13.85 -6.77
C ARG B 69 -5.85 14.72 -6.31
N TRP B 70 -5.85 15.17 -5.06
CA TRP B 70 -6.95 16.01 -4.53
C TRP B 70 -6.47 16.73 -3.29
N CYS B 71 -6.93 17.97 -3.09
CA CYS B 71 -6.80 18.66 -1.81
C CYS B 71 -8.18 19.23 -1.50
N GLY B 72 -8.67 19.02 -0.28
CA GLY B 72 -9.98 19.55 0.11
C GLY B 72 -10.18 19.56 1.60
N ALA B 73 -11.36 19.99 2.04
CA ALA B 73 -11.66 20.14 3.47
C ALA B 73 -12.70 19.11 3.96
N GLU B 74 -12.55 18.64 5.20
CA GLU B 74 -13.47 17.63 5.78
C GLU B 74 -13.51 17.79 7.30
N GLY B 75 -14.65 18.21 7.82
CA GLY B 75 -14.71 18.61 9.23
C GLY B 75 -13.68 19.68 9.57
N ASP B 76 -12.90 19.44 10.61
CA ASP B 76 -11.85 20.39 11.00
C ASP B 76 -10.51 20.00 10.38
N TYR B 77 -10.52 19.22 9.28
CA TYR B 77 -9.28 18.83 8.57
C TYR B 77 -9.20 19.33 7.15
N ASN B 78 -7.97 19.60 6.71
CA ASN B 78 -7.65 19.71 5.31
C ASN B 78 -6.99 18.38 4.93
N VAL B 79 -7.29 17.92 3.73
CA VAL B 79 -6.88 16.57 3.28
C VAL B 79 -6.18 16.73 1.92
N MET B 80 -4.98 16.18 1.77
CA MET B 80 -4.29 16.20 0.48
C MET B 80 -3.88 14.78 0.09
N VAL B 81 -4.29 14.36 -1.10
CA VAL B 81 -4.10 12.99 -1.61
C VAL B 81 -3.03 13.04 -2.70
N MET B 82 -2.02 12.18 -2.54
CA MET B 82 -0.83 12.19 -3.37
C MET B 82 -0.48 10.81 -3.90
N GLU B 83 0.20 10.80 -5.04
CA GLU B 83 0.92 9.64 -5.54
C GLU B 83 1.73 8.94 -4.44
N LEU B 84 1.51 7.65 -4.23
CA LEU B 84 2.30 6.86 -3.28
C LEU B 84 3.68 6.60 -3.81
N LEU B 85 4.69 6.83 -2.94
CA LEU B 85 6.08 6.61 -3.28
C LEU B 85 6.65 5.58 -2.31
N GLY B 86 7.90 5.19 -2.59
CA GLY B 86 8.62 4.21 -1.84
C GLY B 86 9.29 4.73 -0.59
N PRO B 87 10.19 3.93 -0.01
CA PRO B 87 10.79 4.28 1.25
C PRO B 87 11.65 5.54 1.19
N SER B 88 11.75 6.19 2.33
CA SER B 88 12.61 7.36 2.44
C SER B 88 14.08 6.96 2.55
N LEU B 89 14.96 7.91 2.31
CA LEU B 89 16.39 7.63 2.46
C LEU B 89 16.76 7.31 3.91
N GLU B 90 16.02 7.85 4.88
CA GLU B 90 16.24 7.50 6.29
C GLU B 90 15.78 6.03 6.57
N ASP B 91 14.61 5.66 6.07
CA ASP B 91 14.18 4.26 6.09
C ASP B 91 15.23 3.31 5.54
N LEU B 92 15.76 3.63 4.36
CA LEU B 92 16.74 2.77 3.71
C LEU B 92 18.07 2.73 4.44
N PHE B 93 18.43 3.88 5.01
CA PHE B 93 19.67 3.98 5.78
C PHE B 93 19.54 3.01 6.97
N ASN B 94 18.41 3.06 7.68
CA ASN B 94 18.20 2.14 8.84
C ASN B 94 18.23 0.66 8.41
N PHE B 95 17.60 0.38 7.28
CA PHE B 95 17.55 -0.97 6.75
C PHE B 95 18.93 -1.53 6.39
N CYS B 96 19.82 -0.63 5.95
CA CYS B 96 21.21 -0.89 5.65
C CYS B 96 22.13 -0.73 6.87
N SER B 97 21.58 -0.75 8.10
CA SER B 97 22.38 -0.68 9.33
C SER B 97 23.19 0.60 9.51
N ARG B 98 22.65 1.69 8.94
CA ARG B 98 23.17 3.03 9.08
C ARG B 98 24.61 3.10 8.56
N LYS B 99 24.80 2.38 7.43
CA LYS B 99 26.01 2.36 6.66
C LYS B 99 25.61 2.32 5.18
N PHE B 100 25.97 3.34 4.43
CA PHE B 100 25.92 3.29 2.95
C PHE B 100 27.33 3.22 2.39
N SER B 101 27.52 2.42 1.35
CA SER B 101 28.78 2.43 0.62
C SER B 101 29.00 3.79 -0.07
N LEU B 102 30.25 4.05 -0.44
CA LEU B 102 30.57 5.28 -1.20
C LEU B 102 29.80 5.39 -2.51
N LYS B 103 29.72 4.27 -3.24
CA LYS B 103 28.96 4.24 -4.48
C LYS B 103 27.51 4.71 -4.27
N THR B 104 26.85 4.18 -3.23
CA THR B 104 25.48 4.57 -2.94
C THR B 104 25.37 6.08 -2.62
N VAL B 105 26.26 6.57 -1.76
CA VAL B 105 26.27 7.99 -1.42
C VAL B 105 26.39 8.86 -2.66
N LEU B 106 27.26 8.47 -3.59
CA LEU B 106 27.50 9.27 -4.78
C LEU B 106 26.35 9.16 -5.79
N LEU B 107 25.76 7.96 -5.92
CA LEU B 107 24.50 7.84 -6.74
C LEU B 107 23.38 8.75 -6.21
N LEU B 108 23.21 8.76 -4.90
CA LEU B 108 22.21 9.59 -4.28
C LEU B 108 22.55 11.06 -4.45
N ALA B 109 23.81 11.43 -4.19
CA ALA B 109 24.21 12.83 -4.33
C ALA B 109 23.85 13.40 -5.73
N ASP B 110 24.15 12.64 -6.79
CA ASP B 110 23.91 13.11 -8.15
C ASP B 110 22.44 13.51 -8.34
N GLN B 111 21.56 12.64 -7.90
CA GLN B 111 20.11 12.91 -8.04
C GLN B 111 19.59 13.96 -7.09
N MET B 112 20.09 13.99 -5.86
CA MET B 112 19.64 14.99 -4.91
C MET B 112 20.00 16.44 -5.33
N ILE B 113 21.23 16.61 -5.82
CA ILE B 113 21.63 17.93 -6.35
C ILE B 113 20.65 18.34 -7.48
N SER B 114 20.39 17.41 -8.40
CA SER B 114 19.42 17.65 -9.49
C SER B 114 18.00 18.01 -9.02
N ARG B 115 17.46 17.31 -8.02
CA ARG B 115 16.12 17.66 -7.48
CA ARG B 115 16.13 17.64 -7.47
C ARG B 115 16.10 19.07 -6.90
N ILE B 116 17.13 19.42 -6.12
CA ILE B 116 17.22 20.75 -5.55
C ILE B 116 17.34 21.80 -6.67
N GLU B 117 18.14 21.54 -7.71
CA GLU B 117 18.27 22.49 -8.83
C GLU B 117 16.91 22.70 -9.50
N TYR B 118 16.17 21.62 -9.66
CA TYR B 118 14.86 21.72 -10.30
C TYR B 118 13.91 22.59 -9.45
N ILE B 119 13.81 22.35 -8.15
CA ILE B 119 12.97 23.21 -7.29
C ILE B 119 13.40 24.70 -7.38
N HIS B 120 14.71 24.96 -7.35
CA HIS B 120 15.24 26.31 -7.57
C HIS B 120 14.86 26.86 -8.95
N SER B 121 14.89 26.02 -10.00
CA SER B 121 14.49 26.47 -11.34
C SER B 121 13.03 26.94 -11.40
N LYS B 122 12.19 26.42 -10.50
CA LYS B 122 10.79 26.77 -10.36
C LYS B 122 10.57 27.83 -9.30
N ASN B 123 11.66 28.50 -8.91
CA ASN B 123 11.61 29.75 -8.12
C ASN B 123 11.35 29.55 -6.65
N PHE B 124 11.54 28.32 -6.15
CA PHE B 124 11.36 28.03 -4.74
C PHE B 124 12.62 27.50 -4.07
N ILE B 125 12.72 27.74 -2.79
CA ILE B 125 13.69 27.04 -1.92
C ILE B 125 12.90 26.11 -0.99
N HIS B 126 13.48 24.95 -0.67
CA HIS B 126 12.80 23.90 0.05
C HIS B 126 12.80 24.14 1.57
N ARG B 127 13.99 24.42 2.08
CA ARG B 127 14.20 24.85 3.49
C ARG B 127 14.11 23.74 4.55
N ASP B 128 13.93 22.49 4.12
CA ASP B 128 14.05 21.39 5.08
C ASP B 128 14.56 20.12 4.40
N VAL B 129 15.79 20.26 3.90
CA VAL B 129 16.47 19.19 3.18
C VAL B 129 17.01 18.26 4.23
N LYS B 130 16.60 17.01 4.18
CA LYS B 130 16.98 15.95 5.13
C LYS B 130 16.60 14.60 4.55
N PRO B 131 17.16 13.51 5.11
CA PRO B 131 16.94 12.20 4.47
C PRO B 131 15.51 11.77 4.39
N ASP B 132 14.73 12.16 5.39
CA ASP B 132 13.32 11.84 5.47
C ASP B 132 12.48 12.46 4.33
N ASN B 133 12.99 13.54 3.71
CA ASN B 133 12.26 14.22 2.63
C ASN B 133 12.72 13.83 1.21
N PHE B 134 13.43 12.72 1.09
CA PHE B 134 13.73 12.11 -0.20
C PHE B 134 13.21 10.66 -0.18
N LEU B 135 12.31 10.32 -1.12
CA LEU B 135 11.76 8.98 -1.23
C LEU B 135 12.17 8.35 -2.55
N MET B 136 12.39 7.04 -2.57
CA MET B 136 12.65 6.32 -3.81
C MET B 136 11.31 6.06 -4.46
N GLY B 137 11.30 5.95 -5.78
CA GLY B 137 10.08 5.58 -6.51
C GLY B 137 9.70 4.13 -6.23
N LEU B 138 8.51 3.77 -6.69
CA LEU B 138 8.01 2.39 -6.58
C LEU B 138 8.20 1.71 -7.90
N GLY B 139 8.40 0.39 -7.81
CA GLY B 139 8.51 -0.46 -8.98
C GLY B 139 9.65 -0.09 -9.91
N LYS B 140 9.28 0.26 -11.15
CA LYS B 140 10.18 0.57 -12.24
C LYS B 140 10.80 1.96 -12.10
N LYS B 141 10.12 2.83 -11.34
CA LYS B 141 10.68 4.11 -10.93
C LYS B 141 11.50 3.99 -9.63
N GLY B 142 11.86 2.79 -9.20
CA GLY B 142 12.66 2.57 -8.01
C GLY B 142 14.09 3.07 -8.04
N ASN B 143 14.59 3.36 -9.23
CA ASN B 143 15.91 3.95 -9.40
C ASN B 143 15.90 5.48 -9.19
N LEU B 144 14.72 6.09 -9.04
CA LEU B 144 14.53 7.52 -9.06
C LEU B 144 14.29 8.07 -7.65
N VAL B 145 15.09 9.07 -7.27
CA VAL B 145 14.93 9.81 -6.01
C VAL B 145 13.95 10.95 -6.20
N TYR B 146 12.87 10.95 -5.40
CA TYR B 146 11.90 11.99 -5.36
C TYR B 146 12.14 12.91 -4.19
N ILE B 147 11.74 14.17 -4.33
CA ILE B 147 11.79 15.14 -3.23
C ILE B 147 10.37 15.43 -2.77
N ILE B 148 10.16 15.52 -1.46
CA ILE B 148 8.81 15.75 -0.91
C ILE B 148 8.80 16.83 0.15
N ASP B 149 7.59 17.25 0.45
CA ASP B 149 7.26 18.12 1.58
C ASP B 149 7.65 19.57 1.30
N PHE B 150 6.66 20.32 0.83
CA PHE B 150 6.82 21.74 0.52
C PHE B 150 6.16 22.66 1.56
N GLY B 151 5.93 22.12 2.75
CA GLY B 151 5.23 22.87 3.83
C GLY B 151 6.02 24.06 4.35
N LEU B 152 7.34 23.98 4.25
CA LEU B 152 8.21 25.05 4.71
C LEU B 152 8.87 25.81 3.55
N ALA B 153 8.46 25.50 2.32
CA ALA B 153 9.11 26.10 1.12
C ALA B 153 8.70 27.54 0.96
N LYS B 154 9.46 28.28 0.18
CA LYS B 154 9.22 29.73 -0.03
C LYS B 154 9.71 30.13 -1.39
N LYS B 155 9.02 31.10 -2.00
CA LYS B 155 9.47 31.69 -3.26
C LYS B 155 10.70 32.55 -2.96
N TYR B 156 11.82 32.33 -3.66
CA TYR B 156 13.05 33.11 -3.42
C TYR B 156 13.36 34.11 -4.57
N ARG B 157 12.65 33.99 -5.72
CA ARG B 157 12.86 34.90 -6.87
C ARG B 157 11.59 35.05 -7.72
N ASP B 158 11.52 36.16 -8.47
CA ASP B 158 10.40 36.36 -9.38
C ASP B 158 10.52 35.44 -10.55
N ALA B 159 9.41 34.82 -10.95
CA ALA B 159 9.44 33.90 -12.10
C ALA B 159 9.91 34.54 -13.42
N ARG B 160 9.46 35.76 -13.70
CA ARG B 160 9.85 36.48 -14.91
C ARG B 160 11.18 37.21 -14.88
N THR B 161 11.38 38.04 -13.83
CA THR B 161 12.50 38.95 -13.79
C THR B 161 13.71 38.35 -13.09
N HIS B 162 13.48 37.25 -12.37
CA HIS B 162 14.50 36.64 -11.51
C HIS B 162 15.01 37.55 -10.35
N GLN B 163 14.23 38.56 -9.99
CA GLN B 163 14.63 39.41 -8.87
C GLN B 163 14.59 38.57 -7.60
N HIS B 164 15.68 38.61 -6.83
CA HIS B 164 15.86 37.75 -5.67
C HIS B 164 15.23 38.44 -4.45
N ILE B 165 14.70 37.65 -3.52
CA ILE B 165 14.22 38.21 -2.25
C ILE B 165 15.35 38.93 -1.48
N PRO B 166 14.96 39.88 -0.60
CA PRO B 166 16.01 40.63 0.11
C PRO B 166 16.60 39.85 1.28
N TYR B 167 17.84 40.18 1.60
CA TYR B 167 18.54 39.72 2.81
C TYR B 167 17.77 40.24 4.01
N ARG B 168 17.63 39.37 5.02
CA ARG B 168 16.95 39.70 6.27
CA ARG B 168 16.98 39.72 6.28
C ARG B 168 17.64 38.93 7.41
N GLU B 169 17.57 39.49 8.61
CA GLU B 169 18.11 38.86 9.82
C GLU B 169 16.98 38.59 10.83
N ASN B 170 17.33 37.93 11.96
CA ASN B 170 16.38 37.69 13.04
C ASN B 170 15.20 36.74 12.69
N LYS B 171 15.44 35.82 11.75
CA LYS B 171 14.45 34.84 11.36
C LYS B 171 14.39 33.73 12.41
N ASN B 172 13.21 33.16 12.58
CA ASN B 172 13.01 31.98 13.42
C ASN B 172 13.64 30.76 12.80
N LEU B 173 14.02 29.83 13.65
CA LEU B 173 14.73 28.64 13.22
CA LEU B 173 14.73 28.63 13.21
C LEU B 173 13.70 27.63 12.70
N THR B 174 13.44 27.68 11.40
CA THR B 174 12.55 26.71 10.77
C THR B 174 13.40 25.63 10.12
N GLY B 175 12.86 24.41 10.18
CA GLY B 175 13.47 23.25 9.58
C GLY B 175 13.94 22.34 10.68
N THR B 176 15.04 21.65 10.42
CA THR B 176 15.51 20.56 11.26
C THR B 176 16.91 20.90 11.70
N ALA B 177 17.13 21.04 13.01
CA ALA B 177 18.42 21.57 13.47
C ALA B 177 19.62 20.78 12.99
N ARG B 178 19.49 19.47 12.94
CA ARG B 178 20.59 18.61 12.59
C ARG B 178 21.25 19.00 11.23
N TYR B 179 20.42 19.34 10.27
CA TYR B 179 20.92 19.57 8.90
C TYR B 179 20.93 21.04 8.49
N ALA B 180 20.53 21.96 9.39
CA ALA B 180 20.47 23.38 9.06
C ALA B 180 21.83 23.97 8.76
N SER B 181 21.86 24.91 7.82
CA SER B 181 23.07 25.68 7.56
C SER B 181 23.45 26.56 8.74
N ILE B 182 24.72 26.92 8.80
CA ILE B 182 25.17 27.85 9.82
C ILE B 182 24.38 29.17 9.73
N ASN B 183 24.16 29.70 8.53
CA ASN B 183 23.36 30.93 8.45
C ASN B 183 21.93 30.80 8.98
N THR B 184 21.30 29.66 8.73
CA THR B 184 19.98 29.39 9.29
C THR B 184 20.03 29.45 10.82
N HIS B 185 21.05 28.82 11.41
CA HIS B 185 21.21 28.90 12.87
C HIS B 185 21.34 30.33 13.40
N LEU B 186 21.97 31.19 12.61
CA LEU B 186 22.17 32.59 12.96
C LEU B 186 21.01 33.53 12.64
N GLY B 187 19.88 32.98 12.17
CA GLY B 187 18.69 33.81 11.94
C GLY B 187 18.68 34.52 10.61
N ILE B 188 19.52 34.10 9.69
CA ILE B 188 19.61 34.76 8.37
C ILE B 188 18.59 34.15 7.45
N GLU B 189 17.86 34.99 6.70
CA GLU B 189 17.01 34.56 5.56
C GLU B 189 17.69 33.47 4.72
N GLN B 190 16.97 32.36 4.50
CA GLN B 190 17.49 31.27 3.71
C GLN B 190 17.41 31.56 2.21
N SER B 191 18.34 30.99 1.44
CA SER B 191 18.38 31.10 -0.02
C SER B 191 18.87 29.80 -0.63
N ARG B 192 19.22 29.83 -1.90
CA ARG B 192 19.59 28.57 -2.61
C ARG B 192 20.78 27.86 -1.94
N ARG B 193 21.76 28.67 -1.49
CA ARG B 193 22.95 28.11 -0.86
C ARG B 193 22.60 27.22 0.35
N ASP B 194 21.56 27.58 1.07
CA ASP B 194 21.27 26.91 2.34
C ASP B 194 20.70 25.52 2.08
N ASP B 195 19.86 25.36 1.03
CA ASP B 195 19.40 24.01 0.64
C ASP B 195 20.60 23.10 0.32
N LEU B 196 21.56 23.67 -0.40
CA LEU B 196 22.73 22.89 -0.83
C LEU B 196 23.68 22.61 0.35
N GLU B 197 23.88 23.55 1.26
CA GLU B 197 24.69 23.25 2.46
C GLU B 197 24.08 22.10 3.28
N SER B 198 22.77 22.16 3.50
CA SER B 198 22.04 21.07 4.15
C SER B 198 22.28 19.74 3.48
N LEU B 199 22.19 19.69 2.13
CA LEU B 199 22.50 18.45 1.43
C LEU B 199 23.91 17.94 1.77
N GLY B 200 24.86 18.84 1.86
CA GLY B 200 26.23 18.46 2.24
C GLY B 200 26.33 17.76 3.58
N TYR B 201 25.56 18.19 4.57
CA TYR B 201 25.49 17.53 5.88
C TYR B 201 24.83 16.17 5.80
N VAL B 202 23.76 16.08 5.00
CA VAL B 202 23.11 14.79 4.70
C VAL B 202 24.09 13.75 4.14
N LEU B 203 24.90 14.18 3.18
CA LEU B 203 25.87 13.29 2.57
C LEU B 203 26.89 12.83 3.62
N MET B 204 27.39 13.75 4.44
CA MET B 204 28.32 13.32 5.52
C MET B 204 27.66 12.43 6.59
N TYR B 205 26.39 12.71 6.91
CA TYR B 205 25.62 11.83 7.78
C TYR B 205 25.57 10.40 7.21
N PHE B 206 25.31 10.26 5.90
CA PHE B 206 25.31 8.92 5.26
C PHE B 206 26.68 8.26 5.35
N ASN B 207 27.76 9.02 5.21
CA ASN B 207 29.14 8.49 5.27
C ASN B 207 29.48 8.05 6.67
N LEU B 208 29.01 8.79 7.68
CA LEU B 208 29.44 8.58 9.08
C LEU B 208 28.54 7.69 9.95
N GLY B 209 27.25 7.65 9.62
CA GLY B 209 26.25 7.02 10.48
C GLY B 209 25.56 7.99 11.40
N SER B 210 26.25 9.10 11.72
CA SER B 210 25.71 10.19 12.51
C SER B 210 26.56 11.43 12.30
N LEU B 211 26.03 12.58 12.68
CA LEU B 211 26.79 13.79 12.66
C LEU B 211 27.26 14.04 14.10
N PRO B 212 28.41 14.72 14.28
CA PRO B 212 28.95 14.92 15.65
C PRO B 212 28.23 15.91 16.54
N TRP B 213 27.16 16.53 16.05
CA TRP B 213 26.29 17.38 16.87
C TRP B 213 24.95 16.71 17.17
N GLN B 214 24.79 15.44 16.82
CA GLN B 214 23.67 14.64 17.33
C GLN B 214 23.91 14.27 18.79
N GLY B 215 22.82 14.01 19.49
CA GLY B 215 22.87 13.45 20.86
C GLY B 215 22.62 14.43 21.98
N LEU B 216 23.10 15.67 21.82
CA LEU B 216 22.93 16.72 22.84
C LEU B 216 21.46 17.10 23.14
N LYS B 217 21.10 17.10 24.42
CA LYS B 217 19.74 17.40 24.87
C LYS B 217 19.69 18.79 25.49
N ALA B 218 18.52 19.43 25.38
CA ALA B 218 18.24 20.73 26.02
C ALA B 218 16.85 20.72 26.60
N ALA B 219 16.55 21.72 27.41
CA ALA B 219 15.20 21.90 27.91
C ALA B 219 14.38 22.48 26.78
N THR B 220 14.96 23.44 26.05
CA THR B 220 14.17 24.15 25.05
C THR B 220 14.72 23.96 23.64
N LYS B 221 13.85 24.23 22.66
CA LYS B 221 14.24 24.20 21.27
C LYS B 221 15.41 25.16 20.97
N ARG B 222 15.42 26.32 21.63
CA ARG B 222 16.51 27.28 21.41
C ARG B 222 17.84 26.75 21.91
N GLN B 223 17.82 26.15 23.10
CA GLN B 223 19.06 25.61 23.70
C GLN B 223 19.63 24.45 22.88
N LYS B 224 18.72 23.60 22.39
CA LYS B 224 19.08 22.47 21.49
C LYS B 224 19.75 22.98 20.21
N TYR B 225 19.06 23.90 19.55
CA TYR B 225 19.55 24.52 18.32
CA TYR B 225 19.57 24.45 18.32
C TYR B 225 20.91 25.18 18.57
N GLU B 226 21.05 25.85 19.73
CA GLU B 226 22.33 26.53 20.05
C GLU B 226 23.48 25.52 20.24
N ARG B 227 23.24 24.41 20.93
CA ARG B 227 24.33 23.44 21.15
C ARG B 227 24.80 22.89 19.82
N ILE B 228 23.83 22.61 18.95
CA ILE B 228 24.12 22.17 17.59
C ILE B 228 24.89 23.23 16.82
N SER B 229 24.38 24.44 16.82
CA SER B 229 24.99 25.57 16.13
C SER B 229 26.46 25.75 16.54
N GLU B 230 26.70 25.71 17.86
CA GLU B 230 28.07 25.90 18.37
C GLU B 230 29.00 24.80 17.91
N LYS B 231 28.53 23.56 17.96
CA LYS B 231 29.32 22.43 17.49
C LYS B 231 29.58 22.51 15.99
N LYS B 232 28.57 22.93 15.24
CA LYS B 232 28.69 23.13 13.80
C LYS B 232 29.71 24.21 13.46
N MET B 233 29.59 25.35 14.14
CA MET B 233 30.51 26.47 13.86
C MET B 233 31.93 26.13 14.27
N SER B 234 32.08 25.36 15.34
CA SER B 234 33.40 25.08 15.92
C SER B 234 34.09 23.80 15.41
N THR B 235 33.43 23.08 14.47
CA THR B 235 34.00 21.87 13.87
C THR B 235 34.38 22.21 12.43
N PRO B 236 35.69 22.38 12.15
CA PRO B 236 36.09 22.72 10.77
C PRO B 236 35.59 21.71 9.76
N ILE B 237 35.29 22.16 8.53
CA ILE B 237 34.86 21.23 7.49
C ILE B 237 35.87 20.09 7.28
N GLU B 238 37.17 20.39 7.30
CA GLU B 238 38.14 19.32 7.12
C GLU B 238 38.25 18.34 8.34
N VAL B 239 37.76 18.73 9.51
CA VAL B 239 37.65 17.81 10.67
C VAL B 239 36.38 16.96 10.56
N LEU B 240 35.25 17.60 10.26
CA LEU B 240 33.98 16.87 9.96
C LEU B 240 34.15 15.77 8.91
N CYS B 241 34.86 16.06 7.82
CA CYS B 241 35.01 15.14 6.65
C CYS B 241 36.30 14.32 6.68
N LYS B 242 36.99 14.34 7.82
CA LYS B 242 38.26 13.65 7.97
C LYS B 242 38.04 12.14 7.70
N GLY B 243 38.88 11.59 6.82
CA GLY B 243 38.83 10.18 6.44
C GLY B 243 37.84 9.81 5.34
N TYR B 244 37.36 10.82 4.62
CA TYR B 244 36.46 10.62 3.48
C TYR B 244 37.01 11.38 2.29
N PRO B 245 36.59 11.01 1.06
CA PRO B 245 37.13 11.70 -0.11
C PRO B 245 37.02 13.22 0.02
N SER B 246 38.04 13.92 -0.46
CA SER B 246 38.10 15.38 -0.37
C SER B 246 36.90 16.10 -0.95
N GLU B 247 36.20 15.43 -1.86
CA GLU B 247 35.03 16.04 -2.50
C GLU B 247 33.93 16.46 -1.52
N PHE B 248 33.76 15.73 -0.42
CA PHE B 248 32.73 16.05 0.55
C PHE B 248 32.98 17.40 1.23
N ALA B 249 34.26 17.64 1.54
CA ALA B 249 34.63 18.92 2.09
C ALA B 249 34.63 20.03 1.03
N THR B 250 35.11 19.74 -0.18
CA THR B 250 35.05 20.73 -1.27
C THR B 250 33.62 21.18 -1.52
N TYR B 251 32.70 20.23 -1.46
CA TYR B 251 31.28 20.54 -1.66
C TYR B 251 30.79 21.53 -0.56
N LEU B 252 31.04 21.19 0.71
CA LEU B 252 30.54 22.03 1.83
C LEU B 252 31.19 23.43 1.81
N ASN B 253 32.48 23.48 1.56
CA ASN B 253 33.20 24.76 1.44
C ASN B 253 32.68 25.63 0.31
N PHE B 254 32.39 25.01 -0.86
CA PHE B 254 31.75 25.72 -1.93
C PHE B 254 30.42 26.34 -1.48
N CYS B 255 29.58 25.54 -0.80
CA CYS B 255 28.25 26.01 -0.35
C CYS B 255 28.35 27.14 0.66
N ARG B 256 29.28 27.03 1.60
CA ARG B 256 29.51 28.04 2.63
C ARG B 256 30.02 29.36 2.07
N SER B 257 30.70 29.32 0.92
CA SER B 257 31.27 30.53 0.29
CA SER B 257 31.26 30.55 0.34
C SER B 257 30.24 31.35 -0.47
N LEU B 258 29.11 30.73 -0.78
CA LEU B 258 28.15 31.40 -1.66
C LEU B 258 27.54 32.64 -1.00
N ARG B 259 27.35 33.68 -1.81
CA ARG B 259 26.61 34.86 -1.40
C ARG B 259 25.15 34.54 -1.38
N PHE B 260 24.44 35.31 -0.58
CA PHE B 260 23.02 35.16 -0.37
C PHE B 260 22.26 34.97 -1.67
N ASP B 261 22.50 35.84 -2.66
CA ASP B 261 21.72 35.81 -3.90
C ASP B 261 22.46 35.12 -5.07
N ASP B 262 23.62 34.47 -4.80
CA ASP B 262 24.38 33.75 -5.86
C ASP B 262 23.56 32.59 -6.44
N LYS B 263 23.66 32.41 -7.75
CA LYS B 263 23.16 31.20 -8.39
C LYS B 263 24.21 30.13 -8.23
N PRO B 264 23.91 29.05 -7.51
CA PRO B 264 24.88 27.96 -7.41
C PRO B 264 25.27 27.32 -8.75
N ASP B 265 26.51 26.90 -8.85
CA ASP B 265 26.97 26.13 -9.99
C ASP B 265 26.70 24.65 -9.73
N TYR B 266 25.47 24.23 -10.03
CA TYR B 266 24.97 22.87 -9.73
C TYR B 266 25.77 21.85 -10.54
N SER B 267 26.13 22.23 -11.77
CA SER B 267 26.90 21.39 -12.68
C SER B 267 28.29 21.07 -12.17
N TYR B 268 28.94 22.06 -11.58
CA TYR B 268 30.27 21.89 -10.94
C TYR B 268 30.13 20.89 -9.79
N LEU B 269 29.08 21.06 -8.99
CA LEU B 269 28.88 20.22 -7.83
C LEU B 269 28.59 18.76 -8.25
N ARG B 270 27.77 18.59 -9.27
CA ARG B 270 27.53 17.24 -9.80
C ARG B 270 28.82 16.66 -10.38
N GLN B 271 29.57 17.45 -11.15
CA GLN B 271 30.80 16.96 -11.79
C GLN B 271 31.86 16.54 -10.77
N LEU B 272 31.90 17.22 -9.62
CA LEU B 272 32.85 16.94 -8.54
C LEU B 272 32.66 15.52 -8.03
N PHE B 273 31.40 15.14 -7.81
CA PHE B 273 31.08 13.78 -7.40
C PHE B 273 31.15 12.72 -8.49
N ARG B 274 30.79 13.06 -9.70
CA ARG B 274 30.84 12.14 -10.82
C ARG B 274 32.28 11.79 -11.16
N ASN B 275 33.15 12.79 -11.12
CA ASN B 275 34.57 12.53 -11.34
C ASN B 275 35.12 11.54 -10.29
N LEU B 276 34.73 11.69 -9.02
CA LEU B 276 35.14 10.78 -7.94
C LEU B 276 34.63 9.36 -8.21
N PHE B 277 33.34 9.30 -8.53
CA PHE B 277 32.62 8.07 -8.81
C PHE B 277 33.40 7.27 -9.87
N HIS B 278 33.74 7.94 -10.97
CA HIS B 278 34.53 7.28 -12.01
C HIS B 278 35.97 6.94 -11.60
N ARG B 279 36.66 7.81 -10.87
CA ARG B 279 38.03 7.48 -10.41
C ARG B 279 38.05 6.28 -9.47
N GLN B 280 36.96 6.09 -8.71
CA GLN B 280 36.79 4.89 -7.87
C GLN B 280 36.45 3.61 -8.63
N GLY B 281 36.16 3.71 -9.92
CA GLY B 281 35.88 2.57 -10.77
C GLY B 281 34.46 2.04 -10.73
N PHE B 282 33.53 2.86 -10.22
CA PHE B 282 32.15 2.43 -10.08
C PHE B 282 31.45 2.48 -11.41
N SER B 283 30.47 1.61 -11.59
CA SER B 283 29.62 1.62 -12.77
C SER B 283 28.33 2.34 -12.42
N TYR B 284 27.90 3.25 -13.29
CA TYR B 284 26.67 3.98 -13.08
C TYR B 284 25.53 3.10 -13.56
N ASP B 285 24.92 2.35 -12.63
CA ASP B 285 23.91 1.33 -12.97
C ASP B 285 22.68 1.34 -12.04
N TYR B 286 22.54 2.42 -11.26
CA TYR B 286 21.50 2.57 -10.24
C TYR B 286 21.41 1.40 -9.25
N VAL B 287 22.51 0.69 -9.02
CA VAL B 287 22.53 -0.43 -8.08
C VAL B 287 22.96 0.13 -6.71
N PHE B 288 21.95 0.45 -5.91
CA PHE B 288 22.14 0.97 -4.52
C PHE B 288 22.33 -0.19 -3.55
N ASP B 289 22.87 0.09 -2.36
CA ASP B 289 23.15 -0.98 -1.36
C ASP B 289 21.94 -1.88 -1.08
N TRP B 290 20.75 -1.28 -1.04
CA TRP B 290 19.51 -2.05 -0.82
C TRP B 290 19.03 -2.92 -2.00
N ASN B 291 19.57 -2.69 -3.19
CA ASN B 291 19.25 -3.52 -4.38
C ASN B 291 20.10 -4.77 -4.47
N MET B 292 21.06 -4.94 -3.56
CA MET B 292 21.94 -6.10 -3.58
CA MET B 292 21.97 -6.08 -3.54
C MET B 292 21.48 -7.22 -2.63
N LEU B 293 20.26 -7.09 -2.10
CA LEU B 293 19.75 -8.06 -1.12
C LEU B 293 19.28 -9.33 -1.82
N LYS B 294 19.75 -10.46 -1.30
CA LYS B 294 19.39 -11.79 -1.81
C LYS B 294 18.24 -12.38 -1.00
N PHE B 295 17.60 -13.40 -1.56
CA PHE B 295 16.47 -14.07 -0.91
C PHE B 295 16.92 -14.95 0.26
#